data_7WEX
#
_entry.id   7WEX
#
_cell.length_a   83.381
_cell.length_b   83.381
_cell.length_c   93.805
_cell.angle_alpha   90.000
_cell.angle_beta   90.000
_cell.angle_gamma   120.000
#
_symmetry.space_group_name_H-M   'P 63'
#
loop_
_entity.id
_entity.type
_entity.pdbx_description
1 polymer 'Cytochrome P450 hydroxylase'
2 non-polymer 'PROTOPORPHYRIN IX CONTAINING FE'
3 non-polymer GLYCEROL
4 water water
#
_entity_poly.entity_id   1
_entity_poly.type   'polypeptide(L)'
_entity_poly.pdbx_seq_one_letter_code
;MGSSHHHHHHSSGLVPRGSHMDPAEGLLADPYAVYDRLRDTAPVHRIAGTDGKPAWLVTRYDDVREGLANPLLSLDKKHA
LPGNYRGLALPPALDANLLNMDAPDHTRIRRLVGRAFTLRRVEQLREPVRETAHRLLDALGTHGSTDLIASYAAPLPITV
ICDLLGVPDEHRRDFRAWTDPLVTPDPARPDVARESVVSLLGFFTGLLADKRKNPADDLLSDLIAVQEEGDRLTEDELMS
LAFLILFAGYENTVHLIGNAVLALLRHPEQLAALREDPARLPDAVGEFARYEGPALLAIRRFPVRDVTIGGVTVPAGETV
LLSLSAANRDPSRFPDPDRLDLGRDAAGHLALGHGVHYCLGAPLARLETEVALAALLERFPDLALAETEPRRRPSLRARG
LLALPVTY
;
_entity_poly.pdbx_strand_id   A
#
loop_
_chem_comp.id
_chem_comp.type
_chem_comp.name
_chem_comp.formula
GOL non-polymer GLYCEROL 'C3 H8 O3'
HEM non-polymer 'PROTOPORPHYRIN IX CONTAINING FE' 'C34 H32 Fe N4 O4'
#
# COMPACT_ATOMS: atom_id res chain seq x y z
N ASP A 22 29.82 -1.45 -2.04
CA ASP A 22 28.45 -2.08 -2.14
C ASP A 22 27.73 -1.50 -3.37
N PRO A 23 27.29 -2.33 -4.34
CA PRO A 23 26.51 -1.83 -5.49
C PRO A 23 25.19 -1.13 -5.09
N ALA A 24 24.75 -1.24 -3.83
CA ALA A 24 23.48 -0.71 -3.29
C ALA A 24 23.69 0.59 -2.51
N GLU A 25 24.91 1.15 -2.46
CA GLU A 25 25.16 2.51 -1.89
C GLU A 25 24.22 3.52 -2.57
N GLY A 26 23.55 4.37 -1.79
CA GLY A 26 22.63 5.43 -2.25
C GLY A 26 21.19 4.95 -2.38
N LEU A 27 20.89 3.69 -2.02
CA LEU A 27 19.53 3.10 -2.22
C LEU A 27 18.46 3.98 -1.55
N LEU A 28 18.71 4.48 -0.33
CA LEU A 28 17.70 5.27 0.44
C LEU A 28 17.40 6.59 -0.28
N ALA A 29 18.42 7.23 -0.86
CA ALA A 29 18.37 8.58 -1.47
C ALA A 29 17.84 8.50 -2.91
N ASP A 30 18.25 7.50 -3.68
CA ASP A 30 17.91 7.42 -5.13
C ASP A 30 17.59 5.97 -5.49
N PRO A 31 16.45 5.44 -4.99
CA PRO A 31 16.13 4.03 -5.20
C PRO A 31 16.23 3.63 -6.67
N TYR A 32 15.52 4.36 -7.54
CA TYR A 32 15.40 4.05 -8.99
C TYR A 32 16.76 4.04 -9.69
N ALA A 33 17.66 4.96 -9.35
CA ALA A 33 19.02 4.99 -9.94
C ALA A 33 19.80 3.75 -9.46
N VAL A 34 19.65 3.38 -8.20
CA VAL A 34 20.39 2.20 -7.64
C VAL A 34 19.83 0.92 -8.26
N TYR A 35 18.49 0.79 -8.36
CA TYR A 35 17.83 -0.35 -9.03
C TYR A 35 18.41 -0.49 -10.44
N ASP A 36 18.64 0.61 -11.18
CA ASP A 36 19.16 0.47 -12.57
C ASP A 36 20.53 -0.22 -12.52
N ARG A 37 21.40 0.24 -11.64
CA ARG A 37 22.76 -0.35 -11.43
C ARG A 37 22.58 -1.81 -10.99
N LEU A 38 21.74 -2.07 -10.00
CA LEU A 38 21.62 -3.44 -9.41
C LEU A 38 21.15 -4.44 -10.45
N ARG A 39 20.16 -4.11 -11.28
CA ARG A 39 19.61 -5.11 -12.24
C ARG A 39 20.73 -5.60 -13.16
N ASP A 40 21.69 -4.72 -13.46
CA ASP A 40 22.79 -5.03 -14.42
C ASP A 40 23.95 -5.74 -13.69
N THR A 41 24.20 -5.44 -12.41
CA THR A 41 25.46 -5.86 -11.73
C THR A 41 25.20 -6.83 -10.58
N ALA A 42 24.02 -6.81 -9.96
CA ALA A 42 23.79 -7.53 -8.69
C ALA A 42 22.29 -7.70 -8.46
N PRO A 43 21.58 -8.43 -9.36
CA PRO A 43 20.11 -8.45 -9.40
C PRO A 43 19.46 -9.22 -8.24
N VAL A 44 20.26 -10.03 -7.54
CA VAL A 44 19.86 -10.69 -6.28
C VAL A 44 20.99 -10.39 -5.30
N HIS A 45 20.84 -9.31 -4.52
CA HIS A 45 21.96 -8.68 -3.78
C HIS A 45 21.70 -8.71 -2.28
N ARG A 46 22.64 -9.30 -1.55
CA ARG A 46 22.68 -9.30 -0.06
C ARG A 46 22.91 -7.86 0.39
N ILE A 47 21.94 -7.28 1.11
CA ILE A 47 22.07 -5.94 1.76
C ILE A 47 21.91 -6.08 3.28
N ALA A 48 22.20 -4.98 3.96
CA ALA A 48 21.83 -4.70 5.38
C ALA A 48 20.57 -3.84 5.34
N GLY A 49 19.47 -4.28 5.96
CA GLY A 49 18.24 -3.48 6.08
C GLY A 49 18.42 -2.36 7.09
N THR A 50 17.38 -1.57 7.37
CA THR A 50 17.48 -0.41 8.28
C THR A 50 17.89 -0.89 9.69
N ASP A 51 17.39 -2.05 10.15
CA ASP A 51 17.72 -2.60 11.48
C ASP A 51 19.09 -3.33 11.44
N GLY A 52 19.73 -3.47 10.28
CA GLY A 52 21.08 -4.02 10.14
C GLY A 52 21.09 -5.53 9.98
N LYS A 53 19.92 -6.18 10.00
CA LYS A 53 19.82 -7.63 9.67
C LYS A 53 19.94 -7.77 8.15
N PRO A 54 20.55 -8.87 7.67
CA PRO A 54 20.83 -9.01 6.24
C PRO A 54 19.56 -9.47 5.51
N ALA A 55 19.38 -8.98 4.29
CA ALA A 55 18.24 -9.38 3.44
C ALA A 55 18.72 -9.42 1.99
N TRP A 56 17.97 -10.11 1.12
CA TRP A 56 18.32 -10.24 -0.31
C TRP A 56 17.40 -9.34 -1.14
N LEU A 57 17.97 -8.37 -1.86
CA LEU A 57 17.16 -7.43 -2.68
C LEU A 57 17.13 -7.93 -4.12
N VAL A 58 15.92 -8.05 -4.71
CA VAL A 58 15.69 -8.62 -6.06
C VAL A 58 15.07 -7.51 -6.91
N THR A 59 15.70 -7.15 -8.03
CA THR A 59 15.39 -5.92 -8.80
C THR A 59 14.92 -6.21 -10.23
N ARG A 60 15.00 -7.44 -10.74
CA ARG A 60 14.56 -7.72 -12.13
C ARG A 60 13.10 -8.14 -12.18
N TYR A 61 12.40 -7.68 -13.21
CA TYR A 61 10.95 -7.93 -13.37
C TYR A 61 10.66 -9.44 -13.28
N ASP A 62 11.30 -10.24 -14.15
CA ASP A 62 11.06 -11.70 -14.24
C ASP A 62 11.22 -12.35 -12.86
N ASP A 63 12.29 -12.00 -12.13
CA ASP A 63 12.64 -12.58 -10.81
C ASP A 63 11.60 -12.14 -9.78
N VAL A 64 11.19 -10.88 -9.81
CA VAL A 64 10.18 -10.37 -8.84
C VAL A 64 8.84 -11.07 -9.10
N ARG A 65 8.38 -11.14 -10.35
CA ARG A 65 7.07 -11.71 -10.74
C ARG A 65 7.03 -13.19 -10.31
N GLU A 66 8.02 -13.97 -10.73
CA GLU A 66 8.17 -15.41 -10.36
C GLU A 66 8.23 -15.60 -8.84
N GLY A 67 9.04 -14.81 -8.16
CA GLY A 67 9.18 -14.77 -6.68
C GLY A 67 7.83 -14.61 -6.00
N LEU A 68 7.04 -13.65 -6.44
CA LEU A 68 5.71 -13.34 -5.82
C LEU A 68 4.81 -14.57 -5.90
N ALA A 69 4.90 -15.36 -6.96
CA ALA A 69 4.04 -16.52 -7.23
C ALA A 69 4.71 -17.84 -6.77
N ASN A 70 5.94 -17.80 -6.26
CA ASN A 70 6.73 -19.01 -5.91
C ASN A 70 6.28 -19.47 -4.53
N PRO A 71 5.51 -20.58 -4.39
CA PRO A 71 5.07 -21.02 -3.06
C PRO A 71 6.22 -21.46 -2.14
N LEU A 72 7.44 -21.68 -2.65
CA LEU A 72 8.64 -21.93 -1.81
C LEU A 72 9.10 -20.66 -1.08
N LEU A 73 8.68 -19.47 -1.54
CA LEU A 73 8.98 -18.21 -0.80
C LEU A 73 7.80 -17.93 0.14
N SER A 74 7.99 -18.26 1.41
CA SER A 74 6.93 -18.23 2.44
C SER A 74 6.76 -16.81 2.95
N LEU A 75 5.56 -16.44 3.34
CA LEU A 75 5.28 -15.18 4.08
C LEU A 75 5.26 -15.46 5.58
N ASP A 76 5.29 -16.72 5.97
CA ASP A 76 5.15 -17.09 7.41
C ASP A 76 6.53 -17.06 8.05
N LYS A 77 6.74 -16.13 8.99
CA LYS A 77 8.07 -15.93 9.65
C LYS A 77 8.45 -17.10 10.57
N LYS A 78 7.60 -18.11 10.75
CA LYS A 78 7.98 -19.39 11.39
C LYS A 78 9.03 -20.08 10.50
N HIS A 79 9.13 -19.67 9.23
CA HIS A 79 10.10 -20.23 8.26
C HIS A 79 11.41 -19.44 8.31
N ALA A 80 11.48 -18.35 9.07
CA ALA A 80 12.66 -17.45 9.11
C ALA A 80 13.77 -18.13 9.91
N LEU A 81 15.01 -18.00 9.47
CA LEU A 81 16.18 -18.50 10.23
C LEU A 81 16.06 -17.97 11.65
N PRO A 82 16.03 -18.88 12.66
CA PRO A 82 16.06 -18.46 14.06
C PRO A 82 17.21 -17.48 14.22
N GLY A 83 16.97 -16.34 14.85
CA GLY A 83 18.01 -15.33 15.11
C GLY A 83 18.17 -14.32 13.97
N ASN A 84 17.71 -14.63 12.75
CA ASN A 84 18.03 -13.85 11.51
C ASN A 84 17.03 -12.70 11.24
N TYR A 85 15.80 -12.77 11.77
CA TYR A 85 14.72 -11.79 11.42
C TYR A 85 14.04 -11.26 12.69
N ARG A 86 13.89 -9.94 12.81
CA ARG A 86 13.12 -9.28 13.91
C ARG A 86 11.74 -8.87 13.39
N GLY A 87 11.71 -7.92 12.45
CA GLY A 87 10.49 -7.21 12.01
C GLY A 87 9.91 -6.35 13.13
N LEU A 88 8.58 -6.29 13.23
CA LEU A 88 7.85 -5.39 14.17
C LEU A 88 7.30 -6.20 15.35
N ALA A 89 6.92 -5.52 16.44
CA ALA A 89 6.54 -6.09 17.76
C ALA A 89 5.03 -6.01 17.94
N LEU A 90 4.36 -7.15 17.94
CA LEU A 90 2.88 -7.24 17.84
C LEU A 90 2.34 -8.34 18.74
N PRO A 91 1.15 -8.14 19.34
CA PRO A 91 0.54 -9.18 20.15
C PRO A 91 0.27 -10.36 19.21
N PRO A 92 0.39 -11.62 19.69
CA PRO A 92 0.39 -12.77 18.80
C PRO A 92 -0.94 -12.96 18.07
N ALA A 93 -2.04 -12.38 18.55
CA ALA A 93 -3.33 -12.40 17.82
C ALA A 93 -3.09 -11.81 16.41
N LEU A 94 -2.29 -10.74 16.30
CA LEU A 94 -2.04 -10.00 15.05
C LEU A 94 -1.00 -10.74 14.19
N ASP A 95 -0.33 -11.79 14.68
CA ASP A 95 0.49 -12.69 13.82
C ASP A 95 -0.43 -13.54 12.93
N ALA A 96 -1.70 -13.71 13.27
CA ALA A 96 -2.66 -14.50 12.46
C ALA A 96 -3.13 -13.68 11.25
N ASN A 97 -2.22 -13.01 10.51
CA ASN A 97 -2.64 -12.05 9.44
C ASN A 97 -2.22 -12.61 8.08
N LEU A 98 -2.94 -12.21 7.03
CA LEU A 98 -2.84 -12.81 5.68
C LEU A 98 -1.38 -12.70 5.18
N LEU A 99 -0.64 -11.67 5.57
CA LEU A 99 0.70 -11.37 5.00
C LEU A 99 1.79 -11.93 5.93
N ASN A 100 1.39 -12.83 6.84
CA ASN A 100 2.34 -13.68 7.60
C ASN A 100 1.81 -15.11 7.54
N MET A 101 1.31 -15.56 6.39
CA MET A 101 0.53 -16.82 6.31
C MET A 101 0.64 -17.48 4.94
N ASP A 102 0.76 -18.82 4.88
CA ASP A 102 0.73 -19.68 3.65
C ASP A 102 -0.52 -20.57 3.65
N ALA A 103 -0.78 -21.24 2.52
CA ALA A 103 -1.84 -22.27 2.39
C ALA A 103 -1.52 -23.38 3.39
N PRO A 104 -2.51 -24.12 3.93
CA PRO A 104 -3.94 -23.88 3.66
C PRO A 104 -4.59 -22.75 4.44
N ASP A 105 -4.00 -22.33 5.56
CA ASP A 105 -4.60 -21.27 6.42
C ASP A 105 -4.90 -20.04 5.57
N HIS A 106 -3.92 -19.57 4.80
CA HIS A 106 -4.08 -18.36 3.95
C HIS A 106 -5.29 -18.54 3.03
N THR A 107 -5.35 -19.69 2.34
CA THR A 107 -6.40 -20.01 1.36
C THR A 107 -7.78 -19.88 2.02
N ARG A 108 -7.95 -20.39 3.23
CA ARG A 108 -9.23 -20.42 3.99
C ARG A 108 -9.70 -18.99 4.27
N ILE A 109 -8.85 -18.18 4.93
CA ILE A 109 -9.25 -16.82 5.40
C ILE A 109 -9.46 -15.89 4.20
N ARG A 110 -8.54 -15.93 3.22
CA ARG A 110 -8.63 -15.05 2.02
C ARG A 110 -9.98 -15.26 1.30
N ARG A 111 -10.46 -16.51 1.25
CA ARG A 111 -11.74 -16.87 0.57
C ARG A 111 -12.89 -16.16 1.28
N LEU A 112 -12.92 -16.26 2.61
CA LEU A 112 -14.00 -15.68 3.44
C LEU A 112 -14.02 -14.17 3.25
N VAL A 113 -12.89 -13.49 3.47
CA VAL A 113 -12.89 -12.01 3.38
C VAL A 113 -13.02 -11.56 1.91
N GLY A 114 -12.59 -12.35 0.93
CA GLY A 114 -12.57 -11.92 -0.48
C GLY A 114 -13.97 -11.58 -0.98
N ARG A 115 -14.99 -12.26 -0.44
CA ARG A 115 -16.43 -11.94 -0.64
C ARG A 115 -16.64 -10.43 -0.58
N ALA A 116 -16.01 -9.74 0.37
CA ALA A 116 -16.22 -8.28 0.59
C ALA A 116 -15.74 -7.47 -0.62
N PHE A 117 -14.78 -7.93 -1.42
CA PHE A 117 -14.03 -7.00 -2.31
C PHE A 117 -14.22 -7.37 -3.79
N THR A 118 -15.39 -7.93 -4.11
CA THR A 118 -15.75 -8.31 -5.50
C THR A 118 -16.02 -7.02 -6.27
N LEU A 119 -15.79 -7.02 -7.58
CA LEU A 119 -15.94 -5.81 -8.42
C LEU A 119 -17.31 -5.15 -8.12
N ARG A 120 -18.34 -5.96 -7.83
CA ARG A 120 -19.72 -5.46 -7.60
C ARG A 120 -19.92 -4.94 -6.16
N ARG A 121 -19.41 -5.63 -5.12
CA ARG A 121 -19.53 -5.18 -3.69
C ARG A 121 -18.76 -3.87 -3.48
N VAL A 122 -17.66 -3.68 -4.21
CA VAL A 122 -16.82 -2.45 -4.12
C VAL A 122 -17.53 -1.34 -4.91
N GLU A 123 -18.14 -1.69 -6.03
CA GLU A 123 -18.78 -0.69 -6.94
C GLU A 123 -19.91 0.05 -6.20
N GLN A 124 -20.51 -0.59 -5.20
CA GLN A 124 -21.64 -0.03 -4.42
C GLN A 124 -21.12 1.04 -3.47
N LEU A 125 -19.83 1.02 -3.13
CA LEU A 125 -19.16 2.10 -2.34
C LEU A 125 -18.88 3.32 -3.22
N ARG A 126 -19.13 3.30 -4.54
CA ARG A 126 -18.68 4.39 -5.45
C ARG A 126 -19.30 5.75 -5.04
N GLU A 127 -20.61 5.82 -4.79
CA GLU A 127 -21.28 7.11 -4.41
C GLU A 127 -20.78 7.61 -3.06
N PRO A 128 -20.70 6.78 -1.99
CA PRO A 128 -20.17 7.26 -0.71
C PRO A 128 -18.72 7.74 -0.73
N VAL A 129 -17.81 7.00 -1.40
CA VAL A 129 -16.42 7.46 -1.65
C VAL A 129 -16.45 8.84 -2.33
N ARG A 130 -17.24 9.00 -3.39
CA ARG A 130 -17.40 10.28 -4.15
C ARG A 130 -17.86 11.40 -3.21
N GLU A 131 -18.86 11.13 -2.39
CA GLU A 131 -19.40 12.07 -1.37
C GLU A 131 -18.29 12.50 -0.41
N THR A 132 -17.48 11.55 0.10
CA THR A 132 -16.38 11.87 1.03
C THR A 132 -15.36 12.79 0.35
N ALA A 133 -14.83 12.43 -0.82
CA ALA A 133 -13.83 13.24 -1.57
C ALA A 133 -14.36 14.66 -1.82
N HIS A 134 -15.63 14.81 -2.24
CA HIS A 134 -16.23 16.13 -2.53
C HIS A 134 -16.37 16.93 -1.22
N ARG A 135 -16.65 16.27 -0.10
CA ARG A 135 -16.75 17.01 1.18
C ARG A 135 -15.37 17.51 1.59
N LEU A 136 -14.29 16.73 1.36
CA LEU A 136 -12.92 17.19 1.69
C LEU A 136 -12.53 18.39 0.81
N LEU A 137 -12.88 18.41 -0.48
CA LEU A 137 -12.44 19.53 -1.35
C LEU A 137 -13.24 20.80 -0.99
N ASP A 138 -14.51 20.64 -0.59
CA ASP A 138 -15.41 21.73 -0.09
C ASP A 138 -14.64 22.61 0.91
N ALA A 139 -13.73 22.04 1.71
CA ALA A 139 -13.05 22.75 2.80
C ALA A 139 -11.94 23.62 2.23
N LEU A 140 -11.56 23.45 0.96
CA LEU A 140 -10.44 24.20 0.35
C LEU A 140 -10.89 25.58 -0.18
N GLY A 141 -12.19 25.82 -0.31
CA GLY A 141 -12.70 26.98 -1.05
C GLY A 141 -12.33 26.93 -2.54
N THR A 142 -12.25 28.09 -3.17
CA THR A 142 -12.16 28.25 -4.65
C THR A 142 -10.70 28.47 -5.05
N HIS A 143 -9.95 29.33 -4.34
CA HIS A 143 -8.53 29.63 -4.65
C HIS A 143 -7.71 29.65 -3.34
N GLY A 144 -6.42 29.34 -3.40
CA GLY A 144 -5.57 29.32 -2.20
C GLY A 144 -4.43 28.30 -2.30
N SER A 145 -4.02 27.75 -1.16
CA SER A 145 -2.91 26.76 -1.09
C SER A 145 -3.27 25.69 -0.05
N THR A 146 -2.85 24.45 -0.30
CA THR A 146 -3.11 23.32 0.64
C THR A 146 -1.93 22.36 0.57
N ASP A 147 -1.72 21.62 1.66
CA ASP A 147 -0.95 20.37 1.62
C ASP A 147 -1.94 19.26 1.26
N LEU A 148 -1.92 18.79 0.02
CA LEU A 148 -2.92 17.80 -0.47
C LEU A 148 -2.81 16.50 0.30
N ILE A 149 -1.64 16.13 0.82
CA ILE A 149 -1.55 14.92 1.69
C ILE A 149 -2.49 15.14 2.89
N ALA A 150 -2.27 16.21 3.67
CA ALA A 150 -3.01 16.43 4.95
C ALA A 150 -4.49 16.73 4.66
N SER A 151 -4.81 17.43 3.58
CA SER A 151 -6.19 17.93 3.33
C SER A 151 -7.05 16.94 2.54
N TYR A 152 -6.45 15.96 1.83
CA TYR A 152 -7.22 15.18 0.82
C TYR A 152 -6.78 13.71 0.79
N ALA A 153 -5.53 13.46 0.38
CA ALA A 153 -4.97 12.10 0.13
C ALA A 153 -5.00 11.22 1.39
N ALA A 154 -4.74 11.79 2.57
CA ALA A 154 -4.77 11.05 3.86
C ALA A 154 -6.18 10.83 4.37
N PRO A 155 -7.03 11.88 4.58
CA PRO A 155 -8.33 11.64 5.20
C PRO A 155 -9.27 10.75 4.38
N LEU A 156 -9.19 10.77 3.05
CA LEU A 156 -10.15 10.03 2.19
C LEU A 156 -10.06 8.53 2.50
N PRO A 157 -8.89 7.86 2.33
CA PRO A 157 -8.80 6.43 2.57
C PRO A 157 -9.18 6.01 4.00
N ILE A 158 -8.84 6.80 5.02
CA ILE A 158 -9.18 6.41 6.43
C ILE A 158 -10.68 6.57 6.63
N THR A 159 -11.34 7.57 6.04
CA THR A 159 -12.83 7.63 6.10
C THR A 159 -13.41 6.39 5.43
N VAL A 160 -12.90 6.02 4.26
CA VAL A 160 -13.45 4.88 3.48
C VAL A 160 -13.35 3.60 4.32
N ILE A 161 -12.18 3.37 4.94
CA ILE A 161 -11.90 2.21 5.84
C ILE A 161 -12.89 2.23 7.02
N CYS A 162 -13.14 3.38 7.65
CA CYS A 162 -14.12 3.54 8.76
C CYS A 162 -15.52 3.12 8.32
N ASP A 163 -15.92 3.60 7.15
CA ASP A 163 -17.23 3.27 6.53
C ASP A 163 -17.26 1.78 6.20
N LEU A 164 -16.20 1.21 5.63
CA LEU A 164 -16.19 -0.23 5.27
C LEU A 164 -16.30 -1.08 6.54
N LEU A 165 -15.47 -0.85 7.56
CA LEU A 165 -15.42 -1.69 8.78
C LEU A 165 -16.64 -1.44 9.69
N GLY A 166 -17.19 -0.22 9.68
CA GLY A 166 -18.33 0.19 10.53
C GLY A 166 -17.79 0.81 11.81
N VAL A 167 -16.85 1.75 11.68
CA VAL A 167 -16.29 2.52 12.82
C VAL A 167 -17.27 3.66 13.09
N PRO A 168 -18.00 3.67 14.26
CA PRO A 168 -19.01 4.69 14.51
C PRO A 168 -18.40 6.09 14.44
N ASP A 169 -19.16 7.07 13.95
CA ASP A 169 -18.67 8.45 13.68
C ASP A 169 -18.06 9.08 14.94
N GLU A 170 -18.69 8.87 16.10
CA GLU A 170 -18.31 9.45 17.40
C GLU A 170 -16.95 8.91 17.85
N HIS A 171 -16.47 7.81 17.26
CA HIS A 171 -15.14 7.23 17.62
C HIS A 171 -14.06 7.66 16.62
N ARG A 172 -14.41 8.38 15.56
CA ARG A 172 -13.47 8.58 14.42
C ARG A 172 -12.30 9.49 14.81
N ARG A 173 -12.51 10.52 15.64
CA ARG A 173 -11.41 11.40 16.09
C ARG A 173 -10.39 10.57 16.88
N ASP A 174 -10.84 9.66 17.75
CA ASP A 174 -9.94 8.78 18.54
C ASP A 174 -9.22 7.84 17.57
N PHE A 175 -9.97 7.27 16.64
CA PHE A 175 -9.48 6.24 15.69
C PHE A 175 -8.35 6.82 14.84
N ARG A 176 -8.51 8.05 14.35
CA ARG A 176 -7.49 8.76 13.54
C ARG A 176 -6.25 9.05 14.39
N ALA A 177 -6.43 9.53 15.61
CA ALA A 177 -5.32 9.83 16.56
C ALA A 177 -4.51 8.56 16.87
N TRP A 178 -5.14 7.40 16.93
CA TRP A 178 -4.44 6.11 17.16
C TRP A 178 -3.70 5.66 15.89
N THR A 179 -4.29 5.85 14.71
CA THR A 179 -3.78 5.31 13.41
C THR A 179 -2.55 6.10 12.94
N ASP A 180 -2.58 7.43 12.97
CA ASP A 180 -1.49 8.28 12.40
C ASP A 180 -0.12 7.84 12.93
N PRO A 181 0.07 7.71 14.26
CA PRO A 181 1.39 7.41 14.82
C PRO A 181 2.05 6.10 14.35
N LEU A 182 1.24 5.14 13.89
CA LEU A 182 1.64 3.77 13.46
C LEU A 182 1.96 3.74 11.97
N VAL A 183 1.48 4.73 11.22
CA VAL A 183 1.93 5.01 9.83
C VAL A 183 3.27 5.75 9.92
N THR A 184 4.36 5.02 9.61
CA THR A 184 5.79 5.37 9.83
C THR A 184 6.03 5.83 11.27
N PRO A 185 6.16 4.87 12.23
CA PRO A 185 6.42 5.19 13.63
C PRO A 185 7.77 5.92 13.79
N ASP A 186 7.75 7.12 14.39
CA ASP A 186 8.96 7.89 14.81
C ASP A 186 9.91 6.91 15.51
N PRO A 187 11.07 6.58 14.90
CA PRO A 187 11.92 5.51 15.41
C PRO A 187 12.68 5.94 16.68
N ALA A 188 12.66 7.23 17.01
CA ALA A 188 13.34 7.79 18.19
C ALA A 188 12.35 7.87 19.37
N ARG A 189 11.04 7.90 19.11
CA ARG A 189 9.97 8.11 20.15
C ARG A 189 8.85 7.07 20.00
N PRO A 190 9.11 5.77 20.24
CA PRO A 190 8.14 4.70 19.93
C PRO A 190 7.00 4.46 20.91
N ASP A 191 6.90 5.24 22.00
CA ASP A 191 5.90 5.02 23.07
C ASP A 191 4.49 5.30 22.54
N VAL A 192 4.31 6.37 21.76
CA VAL A 192 3.00 6.76 21.16
C VAL A 192 2.52 5.61 20.24
N ALA A 193 3.38 5.04 19.38
CA ALA A 193 3.08 3.88 18.49
C ALA A 193 2.70 2.61 19.28
N ARG A 194 3.39 2.31 20.39
CA ARG A 194 3.06 1.17 21.28
C ARG A 194 1.67 1.40 21.92
N GLU A 195 1.39 2.59 22.46
CA GLU A 195 0.08 2.86 23.12
C GLU A 195 -1.05 2.89 22.06
N SER A 196 -0.72 3.22 20.81
CA SER A 196 -1.67 3.19 19.65
C SER A 196 -2.15 1.75 19.39
N VAL A 197 -1.23 0.78 19.32
CA VAL A 197 -1.56 -0.65 19.06
C VAL A 197 -2.46 -1.11 20.20
N VAL A 198 -2.05 -0.85 21.43
CA VAL A 198 -2.82 -1.26 22.63
C VAL A 198 -4.23 -0.68 22.50
N SER A 199 -4.34 0.60 22.18
CA SER A 199 -5.63 1.36 22.11
C SER A 199 -6.53 0.76 21.03
N LEU A 200 -5.98 0.52 19.84
CA LEU A 200 -6.76 -0.08 18.73
C LEU A 200 -7.20 -1.51 19.07
N LEU A 201 -6.36 -2.31 19.72
CA LEU A 201 -6.76 -3.68 20.12
C LEU A 201 -7.99 -3.61 21.01
N GLY A 202 -7.90 -2.81 22.07
CA GLY A 202 -9.03 -2.58 22.98
C GLY A 202 -10.24 -2.07 22.22
N PHE A 203 -10.06 -1.10 21.34
CA PHE A 203 -11.14 -0.51 20.53
C PHE A 203 -11.85 -1.59 19.69
N PHE A 204 -11.08 -2.37 18.93
CA PHE A 204 -11.62 -3.37 17.99
C PHE A 204 -12.26 -4.51 18.79
N THR A 205 -11.66 -4.93 19.90
CA THR A 205 -12.27 -5.97 20.79
C THR A 205 -13.69 -5.54 21.12
N GLY A 206 -13.85 -4.30 21.62
CA GLY A 206 -15.15 -3.70 21.97
C GLY A 206 -16.10 -3.62 20.78
N LEU A 207 -15.60 -3.23 19.61
CA LEU A 207 -16.44 -2.99 18.39
C LEU A 207 -17.01 -4.34 17.89
N LEU A 208 -16.18 -5.37 17.86
CA LEU A 208 -16.57 -6.74 17.47
C LEU A 208 -17.63 -7.27 18.46
N ALA A 209 -17.43 -7.13 19.77
CA ALA A 209 -18.45 -7.47 20.80
C ALA A 209 -19.76 -6.76 20.47
N ASP A 210 -19.70 -5.44 20.25
CA ASP A 210 -20.90 -4.61 19.91
C ASP A 210 -21.65 -5.17 18.71
N LYS A 211 -20.95 -5.44 17.60
CA LYS A 211 -21.55 -5.95 16.34
C LYS A 211 -22.08 -7.38 16.54
N ARG A 212 -21.39 -8.20 17.33
CA ARG A 212 -21.84 -9.56 17.74
C ARG A 212 -23.23 -9.44 18.40
N LYS A 213 -23.36 -8.56 19.39
CA LYS A 213 -24.62 -8.27 20.13
C LYS A 213 -25.64 -7.59 19.22
N ASN A 214 -25.23 -6.67 18.33
CA ASN A 214 -26.14 -5.91 17.44
C ASN A 214 -25.56 -5.72 16.04
N PRO A 215 -25.82 -6.66 15.11
CA PRO A 215 -25.25 -6.58 13.76
C PRO A 215 -25.69 -5.32 13.03
N ALA A 216 -24.79 -4.70 12.27
CA ALA A 216 -25.05 -3.54 11.40
C ALA A 216 -24.73 -3.91 9.94
N ASP A 217 -24.97 -2.99 9.02
CA ASP A 217 -24.64 -3.14 7.58
C ASP A 217 -23.16 -2.75 7.41
N ASP A 218 -22.23 -3.67 7.68
CA ASP A 218 -20.79 -3.36 7.52
C ASP A 218 -19.97 -4.65 7.44
N LEU A 219 -18.72 -4.49 7.01
CA LEU A 219 -17.81 -5.63 6.76
C LEU A 219 -17.60 -6.42 8.05
N LEU A 220 -17.35 -5.76 9.19
CA LEU A 220 -17.05 -6.51 10.43
C LEU A 220 -18.27 -7.35 10.80
N SER A 221 -19.50 -6.83 10.65
CA SER A 221 -20.73 -7.62 10.98
C SER A 221 -20.80 -8.86 10.07
N ASP A 222 -20.41 -8.72 8.80
CA ASP A 222 -20.41 -9.84 7.81
C ASP A 222 -19.36 -10.89 8.22
N LEU A 223 -18.17 -10.45 8.63
CA LEU A 223 -17.06 -11.34 9.08
C LEU A 223 -17.43 -12.07 10.38
N ILE A 224 -18.10 -11.38 11.31
CA ILE A 224 -18.58 -12.03 12.57
C ILE A 224 -19.46 -13.23 12.19
N ALA A 225 -20.32 -13.09 11.19
CA ALA A 225 -21.33 -14.13 10.87
C ALA A 225 -20.58 -15.45 10.64
N VAL A 226 -19.59 -15.47 9.73
CA VAL A 226 -18.87 -16.74 9.38
C VAL A 226 -17.84 -17.11 10.48
N GLN A 227 -17.47 -16.19 11.39
CA GLN A 227 -16.67 -16.50 12.62
C GLN A 227 -17.08 -17.90 13.17
N LEU A 233 -13.81 -18.58 11.28
CA LEU A 233 -12.90 -17.46 11.63
C LEU A 233 -12.76 -17.37 13.16
N THR A 234 -11.57 -17.67 13.69
CA THR A 234 -11.20 -17.51 15.11
C THR A 234 -11.27 -16.02 15.47
N GLU A 235 -11.28 -15.69 16.77
CA GLU A 235 -11.36 -14.29 17.26
C GLU A 235 -10.09 -13.57 16.81
N ASP A 236 -8.93 -14.23 16.91
CA ASP A 236 -7.60 -13.69 16.53
C ASP A 236 -7.64 -13.35 15.04
N GLU A 237 -8.23 -14.22 14.22
CA GLU A 237 -8.30 -14.04 12.75
C GLU A 237 -9.16 -12.82 12.44
N LEU A 238 -10.29 -12.62 13.14
CA LEU A 238 -11.18 -11.46 12.93
C LEU A 238 -10.39 -10.20 13.24
N MET A 239 -9.75 -10.21 14.41
CA MET A 239 -8.91 -9.11 14.92
C MET A 239 -7.82 -8.80 13.89
N SER A 240 -7.09 -9.80 13.42
CA SER A 240 -6.02 -9.67 12.38
C SER A 240 -6.59 -9.10 11.09
N LEU A 241 -7.83 -9.44 10.72
CA LEU A 241 -8.44 -8.86 9.50
C LEU A 241 -8.76 -7.39 9.72
N ALA A 242 -9.22 -7.00 10.91
CA ALA A 242 -9.56 -5.58 11.19
C ALA A 242 -8.28 -4.75 11.08
N PHE A 243 -7.21 -5.21 11.73
CA PHE A 243 -5.89 -4.55 11.75
C PHE A 243 -5.30 -4.51 10.35
N LEU A 244 -5.23 -5.64 9.65
CA LEU A 244 -4.58 -5.68 8.31
C LEU A 244 -5.35 -4.86 7.26
N ILE A 245 -6.69 -4.93 7.24
CA ILE A 245 -7.49 -4.10 6.30
C ILE A 245 -7.23 -2.61 6.58
N LEU A 246 -7.20 -2.21 7.84
CA LEU A 246 -6.85 -0.82 8.24
C LEU A 246 -5.47 -0.44 7.71
N PHE A 247 -4.43 -1.22 7.97
CA PHE A 247 -3.03 -0.78 7.70
C PHE A 247 -2.65 -1.02 6.22
N ALA A 248 -3.03 -2.14 5.63
CA ALA A 248 -2.84 -2.37 4.17
C ALA A 248 -3.66 -1.36 3.36
N GLY A 249 -4.83 -0.96 3.87
CA GLY A 249 -5.75 -0.10 3.13
C GLY A 249 -5.43 1.39 3.26
N TYR A 250 -4.51 1.81 4.14
CA TYR A 250 -4.36 3.25 4.44
C TYR A 250 -3.15 3.88 3.70
N GLU A 251 -1.93 3.69 4.21
CA GLU A 251 -0.69 4.33 3.68
C GLU A 251 -0.60 4.13 2.15
N ASN A 252 -0.81 2.91 1.64
CA ASN A 252 -0.61 2.66 0.19
C ASN A 252 -1.58 3.54 -0.64
N THR A 253 -2.86 3.58 -0.25
CA THR A 253 -3.90 4.37 -0.97
C THR A 253 -3.53 5.86 -0.91
N VAL A 254 -3.12 6.37 0.25
CA VAL A 254 -2.76 7.80 0.47
C VAL A 254 -1.73 8.17 -0.58
N HIS A 255 -0.73 7.31 -0.73
CA HIS A 255 0.50 7.67 -1.48
C HIS A 255 0.36 7.25 -2.94
N LEU A 256 -0.48 6.28 -3.29
CA LEU A 256 -0.83 6.14 -4.73
C LEU A 256 -1.50 7.45 -5.21
N ILE A 257 -2.44 7.97 -4.42
CA ILE A 257 -3.18 9.22 -4.80
C ILE A 257 -2.16 10.37 -4.88
N GLY A 258 -1.43 10.60 -3.79
CA GLY A 258 -0.47 11.70 -3.70
C GLY A 258 0.55 11.62 -4.80
N ASN A 259 1.16 10.44 -4.99
CA ASN A 259 2.20 10.23 -6.02
C ASN A 259 1.60 10.52 -7.39
N ALA A 260 0.34 10.13 -7.66
CA ALA A 260 -0.31 10.31 -8.97
C ALA A 260 -0.51 11.82 -9.23
N VAL A 261 -0.95 12.58 -8.24
CA VAL A 261 -1.13 14.06 -8.39
C VAL A 261 0.23 14.69 -8.71
N LEU A 262 1.27 14.44 -7.90
CA LEU A 262 2.63 14.96 -8.18
C LEU A 262 3.05 14.60 -9.59
N ALA A 263 2.87 13.33 -9.99
CA ALA A 263 3.31 12.83 -11.31
C ALA A 263 2.57 13.66 -12.38
N LEU A 264 1.24 13.81 -12.25
CA LEU A 264 0.43 14.60 -13.21
C LEU A 264 0.96 16.04 -13.32
N LEU A 265 1.16 16.71 -12.18
CA LEU A 265 1.57 18.13 -12.13
C LEU A 265 3.00 18.27 -12.69
N ARG A 266 3.74 17.16 -12.79
CA ARG A 266 5.11 17.19 -13.38
C ARG A 266 5.09 16.87 -14.87
N HIS A 267 3.95 16.40 -15.40
CA HIS A 267 3.77 15.99 -16.81
C HIS A 267 2.57 16.72 -17.41
N PRO A 268 2.65 18.06 -17.63
CA PRO A 268 1.57 18.85 -18.23
C PRO A 268 0.76 18.24 -19.38
N GLU A 269 1.45 17.58 -20.31
CA GLU A 269 0.80 16.99 -21.51
C GLU A 269 -0.10 15.84 -21.05
N GLN A 270 0.29 15.14 -19.98
CA GLN A 270 -0.49 14.02 -19.42
C GLN A 270 -1.70 14.61 -18.67
N LEU A 271 -1.46 15.62 -17.85
CA LEU A 271 -2.50 16.36 -17.07
C LEU A 271 -3.59 16.85 -18.04
N ALA A 272 -3.18 17.49 -19.14
CA ALA A 272 -4.08 17.98 -20.21
C ALA A 272 -4.91 16.83 -20.79
N ALA A 273 -4.26 15.71 -21.16
CA ALA A 273 -4.95 14.50 -21.65
C ALA A 273 -6.11 14.12 -20.72
N LEU A 274 -5.91 14.18 -19.39
CA LEU A 274 -6.91 13.64 -18.43
C LEU A 274 -7.98 14.69 -18.16
N ARG A 275 -7.58 15.94 -17.94
CA ARG A 275 -8.52 17.08 -17.76
C ARG A 275 -9.51 17.10 -18.91
N GLU A 276 -9.05 16.76 -20.11
CA GLU A 276 -9.81 16.94 -21.37
C GLU A 276 -10.76 15.77 -21.57
N ASP A 277 -10.25 14.54 -21.36
CA ASP A 277 -10.98 13.27 -21.52
C ASP A 277 -10.92 12.49 -20.20
N PRO A 278 -11.68 12.93 -19.18
CA PRO A 278 -11.70 12.27 -17.87
C PRO A 278 -12.13 10.79 -17.87
N ALA A 279 -12.78 10.32 -18.93
CA ALA A 279 -13.20 8.91 -19.11
C ALA A 279 -11.99 7.97 -19.14
N ARG A 280 -10.81 8.52 -19.41
CA ARG A 280 -9.52 7.79 -19.52
C ARG A 280 -8.92 7.55 -18.12
N LEU A 281 -9.47 8.16 -17.06
CA LEU A 281 -8.82 8.06 -15.73
C LEU A 281 -8.71 6.59 -15.33
N PRO A 282 -9.79 5.79 -15.35
CA PRO A 282 -9.72 4.40 -14.89
C PRO A 282 -8.55 3.63 -15.50
N ASP A 283 -8.33 3.80 -16.80
CA ASP A 283 -7.26 3.10 -17.56
C ASP A 283 -5.90 3.70 -17.21
N ALA A 284 -5.83 4.94 -16.73
CA ALA A 284 -4.55 5.59 -16.37
C ALA A 284 -4.05 5.12 -14.99
N VAL A 285 -4.91 4.57 -14.12
CA VAL A 285 -4.52 4.19 -12.74
C VAL A 285 -3.35 3.18 -12.78
N GLY A 286 -3.42 2.20 -13.69
CA GLY A 286 -2.37 1.22 -13.99
C GLY A 286 -1.02 1.88 -14.12
N GLU A 287 -0.92 2.97 -14.87
CA GLU A 287 0.39 3.56 -15.22
C GLU A 287 0.87 4.48 -14.09
N PHE A 288 -0.02 5.13 -13.35
CA PHE A 288 0.38 5.78 -12.07
C PHE A 288 1.05 4.74 -11.17
N ALA A 289 0.46 3.56 -11.02
CA ALA A 289 0.96 2.54 -10.06
C ALA A 289 2.32 2.00 -10.55
N ARG A 290 2.48 1.77 -11.85
CA ARG A 290 3.74 1.27 -12.45
C ARG A 290 4.83 2.33 -12.25
N TYR A 291 4.48 3.59 -12.47
CA TYR A 291 5.43 4.72 -12.54
C TYR A 291 5.83 5.13 -11.11
N GLU A 292 4.87 5.28 -10.21
CA GLU A 292 5.15 5.75 -8.82
C GLU A 292 4.22 5.07 -7.82
N GLY A 293 4.17 3.74 -7.85
CA GLY A 293 3.45 2.98 -6.83
C GLY A 293 4.04 3.25 -5.46
N PRO A 294 3.24 3.10 -4.38
CA PRO A 294 3.69 3.42 -3.03
C PRO A 294 4.58 2.37 -2.36
N ALA A 295 4.56 1.13 -2.85
CA ALA A 295 5.29 -0.01 -2.24
C ALA A 295 6.51 -0.28 -3.09
N LEU A 296 7.66 0.25 -2.67
CA LEU A 296 8.96 -0.06 -3.32
C LEU A 296 9.23 -1.56 -3.21
N LEU A 297 8.91 -2.14 -2.04
CA LEU A 297 9.21 -3.54 -1.71
C LEU A 297 7.89 -4.25 -1.40
N ALA A 298 7.82 -5.52 -1.78
CA ALA A 298 6.83 -6.50 -1.28
C ALA A 298 7.07 -6.77 0.21
N ILE A 299 6.12 -7.46 0.84
CA ILE A 299 6.34 -8.06 2.19
C ILE A 299 7.52 -9.00 2.10
N ARG A 300 8.40 -8.99 3.10
CA ARG A 300 9.53 -9.96 3.22
C ARG A 300 9.02 -11.39 3.09
N ARG A 301 9.85 -12.23 2.47
CA ARG A 301 9.51 -13.64 2.20
C ARG A 301 10.71 -14.49 2.66
N PHE A 302 10.46 -15.75 2.98
CA PHE A 302 11.49 -16.66 3.57
C PHE A 302 11.52 -17.94 2.74
N PRO A 303 12.64 -18.33 2.07
CA PRO A 303 12.63 -19.58 1.33
C PRO A 303 12.42 -20.78 2.28
N VAL A 304 11.52 -21.71 1.93
CA VAL A 304 11.21 -22.88 2.83
C VAL A 304 12.34 -23.91 2.69
N ARG A 305 13.04 -23.89 1.55
CA ARG A 305 14.35 -24.56 1.30
C ARG A 305 15.20 -23.59 0.48
N ASP A 306 16.44 -23.98 0.14
CA ASP A 306 17.37 -23.20 -0.72
C ASP A 306 16.72 -22.95 -2.08
N VAL A 307 16.63 -21.70 -2.51
CA VAL A 307 15.92 -21.38 -3.79
C VAL A 307 16.90 -20.64 -4.69
N THR A 308 16.96 -21.00 -5.97
CA THR A 308 17.75 -20.25 -6.96
C THR A 308 16.83 -19.16 -7.54
N ILE A 309 17.28 -17.91 -7.47
CA ILE A 309 16.58 -16.72 -8.06
C ILE A 309 17.58 -16.03 -8.98
N GLY A 310 17.21 -15.89 -10.26
CA GLY A 310 18.07 -15.36 -11.33
C GLY A 310 19.53 -15.75 -11.12
N GLY A 311 19.81 -17.06 -11.04
CA GLY A 311 21.17 -17.61 -10.94
C GLY A 311 21.80 -17.54 -9.55
N VAL A 312 21.11 -17.04 -8.51
CA VAL A 312 21.69 -16.92 -7.13
C VAL A 312 20.91 -17.86 -6.19
N THR A 313 21.60 -18.79 -5.52
CA THR A 313 20.99 -19.69 -4.50
C THR A 313 20.87 -18.90 -3.21
N VAL A 314 19.64 -18.58 -2.81
CA VAL A 314 19.35 -17.87 -1.53
C VAL A 314 19.10 -18.98 -0.51
N PRO A 315 19.89 -19.04 0.59
CA PRO A 315 19.72 -20.10 1.59
C PRO A 315 18.34 -20.09 2.25
N ALA A 316 17.78 -21.27 2.55
CA ALA A 316 16.52 -21.46 3.33
C ALA A 316 16.51 -20.50 4.54
N GLY A 317 15.36 -19.85 4.77
CA GLY A 317 15.09 -19.12 6.01
C GLY A 317 15.63 -17.70 5.99
N GLU A 318 16.44 -17.33 4.99
CA GLU A 318 16.93 -15.94 4.89
C GLU A 318 15.78 -15.03 4.41
N THR A 319 15.97 -13.71 4.51
CA THR A 319 14.95 -12.68 4.27
C THR A 319 15.08 -12.22 2.81
N VAL A 320 14.02 -12.41 2.03
CA VAL A 320 13.98 -11.97 0.61
C VAL A 320 13.07 -10.72 0.48
N LEU A 321 13.63 -9.66 -0.10
CA LEU A 321 12.90 -8.42 -0.43
C LEU A 321 12.76 -8.30 -1.96
N LEU A 322 11.60 -8.67 -2.49
CA LEU A 322 11.22 -8.51 -3.92
C LEU A 322 10.83 -7.05 -4.16
N SER A 323 11.55 -6.30 -5.01
CA SER A 323 11.24 -4.88 -5.25
C SER A 323 10.21 -4.73 -6.36
N LEU A 324 9.00 -4.35 -5.99
CA LEU A 324 7.89 -4.16 -6.96
C LEU A 324 8.25 -2.98 -7.86
N SER A 325 8.68 -1.88 -7.26
CA SER A 325 9.08 -0.67 -8.01
C SER A 325 10.24 -0.98 -8.96
N ALA A 326 11.26 -1.72 -8.53
CA ALA A 326 12.41 -2.07 -9.41
C ALA A 326 11.88 -2.88 -10.60
N ALA A 327 10.94 -3.82 -10.34
CA ALA A 327 10.36 -4.67 -11.39
C ALA A 327 9.61 -3.80 -12.40
N ASN A 328 8.81 -2.86 -11.89
CA ASN A 328 7.92 -1.96 -12.69
C ASN A 328 8.75 -0.97 -13.51
N ARG A 329 10.02 -0.73 -13.16
CA ARG A 329 10.91 0.16 -13.93
C ARG A 329 12.01 -0.64 -14.65
N ASP A 330 11.83 -1.94 -14.82
CA ASP A 330 12.76 -2.80 -15.59
C ASP A 330 12.63 -2.52 -17.10
N PRO A 331 13.64 -1.94 -17.78
CA PRO A 331 13.53 -1.64 -19.21
C PRO A 331 13.34 -2.87 -20.12
N SER A 332 13.73 -4.06 -19.68
CA SER A 332 13.54 -5.34 -20.40
C SER A 332 12.05 -5.72 -20.43
N ARG A 333 11.20 -5.21 -19.53
CA ARG A 333 9.73 -5.46 -19.57
C ARG A 333 8.97 -4.16 -19.94
N PHE A 334 9.45 -3.00 -19.52
CA PHE A 334 8.76 -1.70 -19.72
C PHE A 334 9.73 -0.74 -20.43
N PRO A 335 9.77 -0.74 -21.78
CA PRO A 335 10.70 0.15 -22.48
C PRO A 335 10.42 1.60 -22.06
N ASP A 336 11.46 2.44 -21.99
CA ASP A 336 11.41 3.84 -21.47
C ASP A 336 10.69 3.86 -20.13
N PRO A 337 11.20 3.10 -19.12
CA PRO A 337 10.48 2.90 -17.87
C PRO A 337 10.29 4.19 -17.06
N ASP A 338 11.17 5.18 -17.22
CA ASP A 338 11.17 6.42 -16.41
C ASP A 338 10.25 7.47 -17.04
N ARG A 339 9.42 7.08 -17.99
CA ARG A 339 8.44 8.00 -18.64
C ARG A 339 7.04 7.63 -18.13
N LEU A 340 6.27 8.62 -17.67
CA LEU A 340 4.80 8.48 -17.42
C LEU A 340 4.10 8.54 -18.78
N ASP A 341 3.46 7.44 -19.18
CA ASP A 341 2.83 7.31 -20.51
C ASP A 341 1.44 6.70 -20.34
N LEU A 342 0.40 7.53 -20.35
CA LEU A 342 -1.00 7.05 -20.15
C LEU A 342 -1.46 6.30 -21.40
N GLY A 343 -0.66 6.29 -22.46
CA GLY A 343 -0.86 5.43 -23.64
C GLY A 343 -0.27 4.05 -23.46
N ARG A 344 0.50 3.83 -22.38
CA ARG A 344 1.31 2.60 -22.22
C ARG A 344 0.35 1.46 -21.86
N ASP A 345 0.63 0.27 -22.36
CA ASP A 345 0.05 -0.97 -21.80
C ASP A 345 0.76 -1.28 -20.47
N ALA A 346 0.16 -0.90 -19.34
CA ALA A 346 0.72 -1.11 -17.99
C ALA A 346 0.22 -2.43 -17.39
N ALA A 347 -0.53 -3.22 -18.17
CA ALA A 347 -0.88 -4.62 -17.85
C ALA A 347 0.40 -5.40 -17.51
N GLY A 348 0.40 -6.03 -16.36
CA GLY A 348 1.54 -6.83 -15.89
C GLY A 348 2.38 -6.07 -14.88
N HIS A 349 2.08 -4.82 -14.55
CA HIS A 349 2.77 -4.13 -13.43
C HIS A 349 2.53 -4.95 -12.13
N LEU A 350 3.46 -4.87 -11.20
CA LEU A 350 3.44 -5.66 -9.93
C LEU A 350 3.09 -4.77 -8.74
N ALA A 351 2.57 -3.55 -8.96
CA ALA A 351 2.39 -2.59 -7.86
C ALA A 351 1.38 -3.10 -6.83
N LEU A 352 0.43 -3.94 -7.25
CA LEU A 352 -0.61 -4.50 -6.35
C LEU A 352 -0.25 -5.98 -6.06
N GLY A 353 0.97 -6.38 -6.42
CA GLY A 353 1.43 -7.77 -6.20
C GLY A 353 1.08 -8.70 -7.34
N HIS A 354 1.12 -10.00 -7.06
CA HIS A 354 0.96 -11.09 -8.05
C HIS A 354 0.83 -12.42 -7.28
N GLY A 355 -0.07 -13.31 -7.73
CA GLY A 355 -0.24 -14.63 -7.11
C GLY A 355 -1.19 -14.57 -5.92
N VAL A 356 -1.05 -15.48 -4.94
CA VAL A 356 -2.15 -15.77 -3.97
C VAL A 356 -2.32 -14.58 -3.03
N HIS A 357 -1.32 -13.69 -2.88
CA HIS A 357 -1.40 -12.54 -1.94
C HIS A 357 -1.73 -11.24 -2.68
N TYR A 358 -2.05 -11.32 -3.97
CA TYR A 358 -2.48 -10.18 -4.80
C TYR A 358 -3.44 -9.31 -3.98
N CYS A 359 -3.18 -8.01 -3.93
CA CYS A 359 -3.92 -7.06 -3.07
C CYS A 359 -5.42 -7.40 -2.98
N LEU A 360 -5.89 -7.74 -1.79
CA LEU A 360 -7.33 -7.98 -1.50
C LEU A 360 -8.12 -6.72 -1.84
N GLY A 361 -7.54 -5.54 -1.67
CA GLY A 361 -8.21 -4.25 -1.84
C GLY A 361 -8.17 -3.72 -3.25
N ALA A 362 -7.62 -4.44 -4.24
CA ALA A 362 -7.24 -3.88 -5.58
C ALA A 362 -8.41 -3.09 -6.18
N PRO A 363 -9.64 -3.64 -6.24
CA PRO A 363 -10.76 -2.92 -6.83
C PRO A 363 -11.13 -1.66 -6.03
N LEU A 364 -10.97 -1.66 -4.70
CA LEU A 364 -11.27 -0.47 -3.87
C LEU A 364 -10.11 0.52 -3.98
N ALA A 365 -8.87 0.04 -4.09
CA ALA A 365 -7.71 0.91 -4.34
C ALA A 365 -7.96 1.67 -5.64
N ARG A 366 -8.35 0.94 -6.68
CA ARG A 366 -8.65 1.50 -8.03
C ARG A 366 -9.80 2.53 -7.91
N LEU A 367 -10.89 2.16 -7.25
CA LEU A 367 -12.08 3.04 -7.16
C LEU A 367 -11.72 4.37 -6.47
N GLU A 368 -10.99 4.28 -5.35
CA GLU A 368 -10.62 5.45 -4.54
C GLU A 368 -9.72 6.39 -5.35
N THR A 369 -8.75 5.85 -6.09
CA THR A 369 -7.83 6.64 -6.91
C THR A 369 -8.60 7.33 -8.07
N GLU A 370 -9.38 6.58 -8.83
CA GLU A 370 -10.25 7.13 -9.91
C GLU A 370 -11.02 8.33 -9.33
N VAL A 371 -11.72 8.08 -8.22
CA VAL A 371 -12.73 9.04 -7.67
C VAL A 371 -11.99 10.26 -7.17
N ALA A 372 -10.90 10.06 -6.41
CA ALA A 372 -10.13 11.17 -5.82
C ALA A 372 -9.57 12.04 -6.93
N LEU A 373 -8.99 11.45 -7.98
CA LEU A 373 -8.30 12.21 -9.04
C LEU A 373 -9.34 12.97 -9.87
N ALA A 374 -10.48 12.35 -10.17
CA ALA A 374 -11.53 12.94 -11.04
C ALA A 374 -12.16 14.14 -10.29
N ALA A 375 -12.44 13.98 -9.00
CA ALA A 375 -13.04 15.04 -8.16
C ALA A 375 -12.08 16.23 -8.08
N LEU A 376 -10.80 15.98 -7.82
CA LEU A 376 -9.76 17.04 -7.71
C LEU A 376 -9.59 17.77 -9.05
N LEU A 377 -9.49 17.05 -10.17
CA LEU A 377 -9.24 17.67 -11.50
C LEU A 377 -10.46 18.53 -11.92
N GLU A 378 -11.66 18.06 -11.62
CA GLU A 378 -12.93 18.73 -12.02
C GLU A 378 -13.10 20.02 -11.21
N ARG A 379 -12.76 19.98 -9.92
CA ARG A 379 -12.99 21.09 -8.97
C ARG A 379 -11.86 22.14 -9.02
N PHE A 380 -10.63 21.81 -9.44
CA PHE A 380 -9.49 22.77 -9.31
C PHE A 380 -8.70 22.91 -10.60
N PRO A 381 -9.30 23.60 -11.60
CA PRO A 381 -8.69 23.68 -12.94
C PRO A 381 -7.35 24.44 -12.95
N ASP A 382 -7.04 25.22 -11.91
CA ASP A 382 -5.74 25.94 -11.80
C ASP A 382 -4.79 25.22 -10.82
N LEU A 383 -5.03 23.93 -10.51
CA LEU A 383 -4.10 23.13 -9.66
C LEU A 383 -2.67 23.22 -10.20
N ALA A 384 -1.73 23.65 -9.38
CA ALA A 384 -0.31 23.69 -9.73
C ALA A 384 0.53 23.38 -8.49
N LEU A 385 1.77 22.91 -8.66
CA LEU A 385 2.70 22.68 -7.53
C LEU A 385 3.11 24.03 -6.95
N ALA A 386 3.17 24.15 -5.63
CA ALA A 386 3.62 25.35 -4.89
C ALA A 386 5.15 25.48 -4.93
N GLU A 387 5.88 24.39 -5.20
CA GLU A 387 7.34 24.33 -4.99
C GLU A 387 8.01 23.67 -6.21
N THR A 388 9.28 24.00 -6.45
CA THR A 388 10.14 23.43 -7.53
C THR A 388 10.44 21.95 -7.25
N GLU A 389 10.39 21.50 -5.98
CA GLU A 389 10.95 20.19 -5.49
C GLU A 389 9.93 19.42 -4.66
N PRO A 390 9.74 18.10 -4.91
CA PRO A 390 8.97 17.24 -4.01
C PRO A 390 9.62 17.09 -2.63
N ARG A 391 8.82 16.78 -1.59
CA ARG A 391 9.27 16.43 -0.23
C ARG A 391 9.09 14.91 0.03
N ARG A 392 10.07 14.10 -0.36
CA ARG A 392 10.01 12.61 -0.31
C ARG A 392 10.31 12.15 1.12
N ARG A 393 9.58 11.13 1.60
CA ARG A 393 9.87 10.39 2.84
C ARG A 393 11.03 9.44 2.55
N PRO A 394 12.14 9.47 3.34
CA PRO A 394 13.27 8.58 3.10
C PRO A 394 12.93 7.18 3.64
N SER A 395 12.97 6.17 2.77
CA SER A 395 12.50 4.80 3.12
C SER A 395 13.08 3.78 2.13
N LEU A 396 13.39 2.59 2.62
CA LEU A 396 13.75 1.44 1.75
C LEU A 396 12.47 0.77 1.23
N ARG A 397 11.32 0.89 1.88
CA ARG A 397 10.12 0.08 1.50
C ARG A 397 8.96 0.93 0.94
N ALA A 398 8.90 2.23 1.24
CA ALA A 398 7.72 3.09 0.96
C ALA A 398 8.14 4.24 0.02
N ARG A 399 7.35 4.51 -1.02
CA ARG A 399 7.55 5.66 -1.93
C ARG A 399 6.38 6.62 -1.72
N GLY A 400 6.64 7.73 -1.01
CA GLY A 400 5.59 8.59 -0.45
C GLY A 400 6.12 9.98 -0.12
N LEU A 401 5.20 10.90 0.10
CA LEU A 401 5.51 12.34 0.26
C LEU A 401 5.18 12.72 1.69
N LEU A 402 6.03 13.54 2.31
CA LEU A 402 5.80 14.09 3.66
C LEU A 402 4.71 15.17 3.56
N ALA A 403 4.67 15.88 2.41
CA ALA A 403 3.70 16.96 2.09
C ALA A 403 3.64 17.14 0.58
N LEU A 404 2.48 17.58 0.09
CA LEU A 404 2.30 17.95 -1.34
C LEU A 404 1.67 19.34 -1.42
N PRO A 405 2.48 20.41 -1.31
CA PRO A 405 1.97 21.79 -1.33
C PRO A 405 1.62 22.15 -2.77
N VAL A 406 0.36 22.54 -2.98
CA VAL A 406 -0.17 22.96 -4.30
C VAL A 406 -0.88 24.31 -4.15
N THR A 407 -1.07 25.01 -5.28
CA THR A 407 -1.94 26.21 -5.38
C THR A 407 -3.13 25.85 -6.26
N TYR A 408 -4.23 26.60 -6.15
CA TYR A 408 -5.47 26.35 -6.91
C TYR A 408 -6.28 27.64 -7.03
CHA HEM B . -1.86 -6.93 -0.34
CHB HEM B . -5.69 -4.67 1.45
CHC HEM B . -4.63 -0.82 -1.35
CHD HEM B . -0.54 -2.97 -2.65
C1A HEM B . -2.97 -6.63 0.40
C2A HEM B . -3.54 -7.51 1.35
C3A HEM B . -4.63 -6.86 1.86
C4A HEM B . -4.70 -5.61 1.24
CMA HEM B . -5.54 -7.45 2.93
CAA HEM B . -3.09 -8.91 1.76
CBA HEM B . -3.76 -10.01 0.90
CGA HEM B . -3.20 -11.38 1.17
O1A HEM B . -3.86 -12.39 0.81
O2A HEM B . -2.10 -11.57 1.79
C1B HEM B . -5.75 -3.42 0.80
C2B HEM B . -6.82 -2.50 0.97
C3B HEM B . -6.54 -1.41 0.16
C4B HEM B . -5.26 -1.72 -0.54
CMB HEM B . -8.02 -2.69 1.87
CAB HEM B . -7.23 -0.18 -0.14
CBB HEM B . -8.48 0.02 0.10
C1C HEM B . -3.39 -1.01 -1.92
C2C HEM B . -2.71 -0.09 -2.76
C3C HEM B . -1.53 -0.74 -3.09
C4C HEM B . -1.54 -2.04 -2.50
CMC HEM B . -3.14 1.33 -3.19
CAC HEM B . -0.47 -0.35 -4.03
CBC HEM B . -0.68 0.39 -5.09
C1D HEM B . -0.60 -4.25 -2.08
C2D HEM B . 0.42 -5.27 -2.38
C3D HEM B . 0.05 -6.38 -1.79
C4D HEM B . -1.18 -6.01 -1.10
CMD HEM B . 1.68 -5.08 -3.22
CAD HEM B . 0.81 -7.69 -1.81
CBD HEM B . 2.01 -7.78 -0.87
CGD HEM B . 2.90 -8.98 -1.09
O1D HEM B . 2.55 -9.99 -1.81
O2D HEM B . 4.04 -8.97 -0.53
NA HEM B . -3.69 -5.48 0.35
NB HEM B . -4.89 -2.92 -0.09
NC HEM B . -2.67 -2.18 -1.78
ND HEM B . -1.58 -4.76 -1.35
FE HEM B . -3.24 -3.92 -0.80
C1 GOL C . 3.80 -4.34 0.58
O1 GOL C . 4.95 -3.52 0.73
C2 GOL C . 2.65 -3.86 1.45
O2 GOL C . 2.56 -2.45 1.39
C3 GOL C . 1.32 -4.44 1.06
O3 GOL C . 0.28 -4.10 1.99
#